data_1XRM
#
_entry.id   1XRM
#
_cell.length_a   56.970
_cell.length_b   61.920
_cell.length_c   80.420
_cell.angle_alpha   90.00
_cell.angle_beta   90.00
_cell.angle_gamma   90.00
#
_symmetry.space_group_name_H-M   'P 21 21 21'
#
loop_
_entity.id
_entity.type
_entity.pdbx_description
1 polymer 'Proline iminopeptidase'
2 non-polymer PHENYLALANINE
3 non-polymer ALANINE
4 water water
#
_entity_poly.entity_id   1
_entity_poly.type   'polypeptide(L)'
_entity_poly.pdbx_seq_one_letter_code
;MDQECIENYAKVNGIYIYYKLCKAPEEKAKLMTMHGGPGMSHDYLLSLRDMTKEGITVLFYDQFGCGRSEEPDQSKFTID
YGVEEAEALRSKLFGNEKVFLMGSSYGGALALAYAVKYQDHLKGLIVSGGLSSVPLTVKEMNRLIDELPAKYRDAIKKYG
SSGSYENPEYQEAVNYFYHQHLLRSEDWPPEVLKSLEYAERRNVYRIMNGPNQFTITGTIKDWDITDKISAIKIPTLITV
GEYDEVTPNVARVIHEKIAGSELHVFRDCSHLTMWEDREGYNKLLSDFILKHL
;
_entity_poly.pdbx_strand_id   A
#
# COMPACT_ATOMS: atom_id res chain seq x y z
N GLU A 4 -6.43 -2.36 24.13
CA GLU A 4 -5.54 -2.33 22.94
C GLU A 4 -5.85 -3.47 21.96
N CYS A 5 -5.09 -3.53 20.87
CA CYS A 5 -5.30 -4.55 19.85
C CYS A 5 -4.62 -5.83 20.30
N ILE A 6 -5.08 -6.96 19.76
CA ILE A 6 -4.53 -8.26 20.12
C ILE A 6 -3.47 -8.65 19.09
N GLU A 7 -2.23 -8.66 19.53
CA GLU A 7 -1.10 -8.98 18.66
C GLU A 7 -0.70 -10.45 18.80
N ASN A 8 -0.02 -11.00 17.80
CA ASN A 8 0.42 -12.38 17.87
C ASN A 8 1.47 -12.69 16.81
N TYR A 9 2.30 -13.69 17.07
CA TYR A 9 3.37 -14.08 16.15
C TYR A 9 3.13 -15.54 15.80
N ALA A 10 2.09 -15.79 15.01
CA ALA A 10 1.72 -17.14 14.60
C ALA A 10 2.28 -17.53 13.21
N LYS A 11 2.45 -18.84 13.02
CA LYS A 11 2.93 -19.40 11.76
C LYS A 11 1.82 -19.30 10.71
N VAL A 12 2.15 -18.72 9.56
CA VAL A 12 1.17 -18.55 8.50
C VAL A 12 1.74 -18.90 7.12
N ASN A 13 1.12 -19.86 6.46
CA ASN A 13 1.55 -20.29 5.14
C ASN A 13 3.01 -20.74 5.12
N GLY A 14 3.46 -21.31 6.24
CA GLY A 14 4.83 -21.80 6.34
C GLY A 14 5.76 -20.98 7.22
N ILE A 15 5.74 -19.66 7.08
CA ILE A 15 6.63 -18.81 7.88
C ILE A 15 5.88 -18.02 8.94
N TYR A 16 6.58 -17.66 10.01
CA TYR A 16 5.99 -16.90 11.09
C TYR A 16 5.76 -15.44 10.68
N ILE A 17 4.49 -15.04 10.70
CA ILE A 17 4.08 -13.68 10.37
C ILE A 17 3.60 -12.93 11.61
N TYR A 18 3.72 -11.61 11.59
CA TYR A 18 3.28 -10.78 12.71
C TYR A 18 1.98 -10.11 12.31
N TYR A 19 0.93 -10.24 13.12
CA TYR A 19 -0.34 -9.59 12.81
C TYR A 19 -0.92 -8.94 14.06
N LYS A 20 -1.70 -7.89 13.85
CA LYS A 20 -2.31 -7.15 14.95
C LYS A 20 -3.80 -6.93 14.66
N LEU A 21 -4.65 -7.65 15.39
CA LEU A 21 -6.10 -7.52 15.21
C LEU A 21 -6.74 -6.54 16.20
N CYS A 22 -7.36 -5.49 15.68
CA CYS A 22 -8.02 -4.51 16.54
C CYS A 22 -9.52 -4.68 16.34
N LYS A 23 -10.16 -5.37 17.27
CA LYS A 23 -11.60 -5.61 17.19
C LYS A 23 -12.47 -4.41 17.57
N ALA A 24 -13.54 -4.20 16.83
CA ALA A 24 -14.46 -3.10 17.08
C ALA A 24 -15.45 -3.51 18.19
N PRO A 25 -15.66 -2.63 19.19
CA PRO A 25 -16.58 -2.89 20.31
C PRO A 25 -17.93 -3.46 19.90
N GLU A 26 -18.45 -2.97 18.78
CA GLU A 26 -19.73 -3.42 18.25
C GLU A 26 -19.53 -3.78 16.78
N GLU A 27 -18.57 -4.67 16.53
CA GLU A 27 -18.17 -5.11 15.19
C GLU A 27 -19.32 -5.24 14.20
N LYS A 28 -19.09 -4.70 13.00
CA LYS A 28 -20.06 -4.72 11.91
C LYS A 28 -19.39 -5.20 10.62
N ALA A 29 -18.06 -5.23 10.62
CA ALA A 29 -17.31 -5.70 9.45
C ALA A 29 -15.82 -5.87 9.75
N LYS A 30 -15.20 -6.84 9.09
CA LYS A 30 -13.78 -7.11 9.27
C LYS A 30 -12.99 -6.53 8.09
N LEU A 31 -12.02 -5.67 8.39
CA LEU A 31 -11.20 -5.07 7.35
C LEU A 31 -9.76 -5.54 7.46
N MET A 32 -9.26 -6.12 6.37
CA MET A 32 -7.89 -6.59 6.30
C MET A 32 -7.03 -5.54 5.57
N THR A 33 -5.86 -5.22 6.10
CA THR A 33 -5.02 -4.22 5.44
C THR A 33 -3.72 -4.80 4.89
N MET A 34 -3.20 -4.18 3.83
CA MET A 34 -1.94 -4.59 3.20
C MET A 34 -1.09 -3.33 3.05
N HIS A 35 0.02 -3.27 3.77
CA HIS A 35 0.91 -2.10 3.72
C HIS A 35 1.61 -2.02 2.37
N GLY A 36 2.18 -0.84 2.07
CA GLY A 36 2.88 -0.65 0.82
C GLY A 36 4.31 -1.16 0.85
N GLY A 37 5.14 -0.58 -0.01
CA GLY A 37 6.55 -1.00 -0.09
C GLY A 37 6.96 -1.33 -1.52
N PRO A 38 7.33 -2.59 -1.82
CA PRO A 38 7.39 -3.73 -0.90
C PRO A 38 8.46 -3.59 0.17
N GLY A 39 8.17 -4.06 1.38
CA GLY A 39 9.15 -4.01 2.45
C GLY A 39 8.86 -3.11 3.63
N MET A 40 7.76 -2.37 3.58
CA MET A 40 7.40 -1.46 4.67
C MET A 40 6.90 -2.28 5.85
N SER A 41 5.75 -1.88 6.41
CA SER A 41 5.15 -2.57 7.55
C SER A 41 3.75 -2.03 7.81
N HIS A 42 2.99 -2.69 8.69
CA HIS A 42 1.64 -2.25 9.00
C HIS A 42 1.66 -0.91 9.71
N ASP A 43 2.75 -0.65 10.42
CA ASP A 43 2.93 0.57 11.19
C ASP A 43 2.34 1.85 10.61
N TYR A 44 2.63 2.16 9.34
CA TYR A 44 2.12 3.39 8.74
C TYR A 44 0.65 3.34 8.32
N LEU A 45 -0.03 2.25 8.64
CA LEU A 45 -1.43 2.12 8.30
C LEU A 45 -2.28 2.15 9.57
N LEU A 46 -1.63 2.16 10.72
CA LEU A 46 -2.33 2.17 12.00
C LEU A 46 -3.40 3.25 12.13
N SER A 47 -3.19 4.38 11.45
CA SER A 47 -4.16 5.46 11.52
C SER A 47 -5.56 4.94 11.16
N LEU A 48 -5.65 3.86 10.40
CA LEU A 48 -6.93 3.29 10.01
C LEU A 48 -7.59 2.62 11.21
N ARG A 49 -6.92 2.67 12.34
CA ARG A 49 -7.43 2.04 13.54
C ARG A 49 -8.72 2.75 14.01
N ASP A 50 -8.79 4.05 13.74
CA ASP A 50 -9.94 4.85 14.14
C ASP A 50 -11.24 4.20 13.75
N MET A 51 -11.21 3.47 12.64
CA MET A 51 -12.40 2.81 12.13
C MET A 51 -13.06 1.80 13.06
N THR A 52 -12.35 1.37 14.11
CA THR A 52 -12.95 0.42 15.05
C THR A 52 -14.07 1.13 15.81
N LYS A 53 -13.94 2.46 15.90
CA LYS A 53 -14.94 3.29 16.56
C LYS A 53 -16.19 3.34 15.69
N GLU A 54 -16.10 2.83 14.46
CA GLU A 54 -17.24 2.80 13.54
C GLU A 54 -17.74 1.37 13.33
N GLY A 55 -17.44 0.51 14.29
CA GLY A 55 -17.87 -0.87 14.21
C GLY A 55 -17.14 -1.68 13.15
N ILE A 56 -15.91 -1.28 12.86
CA ILE A 56 -15.09 -1.95 11.86
C ILE A 56 -13.80 -2.48 12.46
N THR A 57 -13.69 -3.81 12.52
CA THR A 57 -12.50 -4.46 13.03
C THR A 57 -11.40 -4.38 11.96
N VAL A 58 -10.21 -3.97 12.37
CA VAL A 58 -9.08 -3.84 11.45
C VAL A 58 -7.93 -4.79 11.77
N LEU A 59 -7.53 -5.56 10.76
CA LEU A 59 -6.44 -6.50 10.88
C LEU A 59 -5.16 -5.97 10.21
N PHE A 60 -4.13 -5.72 11.01
CA PHE A 60 -2.86 -5.25 10.48
C PHE A 60 -1.88 -6.43 10.45
N TYR A 61 -0.89 -6.38 9.58
CA TYR A 61 0.09 -7.47 9.57
C TYR A 61 1.30 -7.17 8.70
N ASP A 62 2.47 -7.64 9.10
CA ASP A 62 3.68 -7.41 8.33
C ASP A 62 3.82 -8.54 7.31
N GLN A 63 3.95 -8.18 6.03
CA GLN A 63 4.08 -9.19 5.00
C GLN A 63 5.45 -9.87 5.08
N PHE A 64 5.65 -10.91 4.28
CA PHE A 64 6.92 -11.64 4.31
C PHE A 64 8.16 -10.77 4.20
N GLY A 65 9.07 -10.93 5.16
CA GLY A 65 10.30 -10.17 5.19
C GLY A 65 10.19 -8.73 5.67
N CYS A 66 8.98 -8.35 6.07
CA CYS A 66 8.69 -7.00 6.53
C CYS A 66 8.53 -6.90 8.04
N GLY A 67 8.75 -5.70 8.55
CA GLY A 67 8.60 -5.44 9.97
C GLY A 67 9.10 -6.52 10.89
N ARG A 68 8.18 -7.15 11.60
CA ARG A 68 8.51 -8.17 12.59
C ARG A 68 8.41 -9.59 12.08
N SER A 69 7.69 -9.79 11.00
CA SER A 69 7.55 -11.12 10.41
C SER A 69 8.88 -11.63 9.86
N GLU A 70 9.02 -12.96 9.78
CA GLU A 70 10.27 -13.53 9.29
C GLU A 70 10.35 -13.52 7.78
N GLU A 71 11.58 -13.52 7.25
CA GLU A 71 11.81 -13.49 5.82
C GLU A 71 11.90 -14.90 5.24
N PRO A 72 11.09 -15.21 4.21
CA PRO A 72 11.07 -16.53 3.57
C PRO A 72 12.12 -16.60 2.47
N ASP A 73 12.22 -17.78 1.85
CA ASP A 73 13.17 -17.97 0.78
C ASP A 73 12.97 -16.89 -0.28
N GLN A 74 14.07 -16.30 -0.77
CA GLN A 74 13.98 -15.24 -1.76
C GLN A 74 13.18 -15.60 -3.00
N SER A 75 13.03 -16.90 -3.26
CA SER A 75 12.26 -17.33 -4.43
C SER A 75 10.78 -17.03 -4.17
N LYS A 76 10.45 -16.75 -2.92
CA LYS A 76 9.09 -16.45 -2.56
C LYS A 76 8.82 -14.96 -2.42
N PHE A 77 9.76 -14.15 -2.88
CA PHE A 77 9.57 -12.70 -2.83
C PHE A 77 8.77 -12.27 -4.05
N THR A 78 7.50 -12.65 -4.06
CA THR A 78 6.61 -12.32 -5.17
C THR A 78 5.25 -11.84 -4.69
N ILE A 79 4.55 -11.14 -5.57
CA ILE A 79 3.23 -10.61 -5.29
C ILE A 79 2.29 -11.80 -5.17
N ASP A 80 2.44 -12.77 -6.05
CA ASP A 80 1.60 -13.98 -6.01
C ASP A 80 1.75 -14.70 -4.69
N TYR A 81 2.95 -14.61 -4.11
CA TYR A 81 3.22 -15.26 -2.83
C TYR A 81 2.51 -14.46 -1.73
N GLY A 82 2.59 -13.14 -1.80
CA GLY A 82 1.94 -12.34 -0.80
C GLY A 82 0.45 -12.63 -0.77
N VAL A 83 -0.13 -12.88 -1.93
CA VAL A 83 -1.55 -13.19 -2.05
C VAL A 83 -1.90 -14.43 -1.23
N GLU A 84 -1.20 -15.52 -1.48
CA GLU A 84 -1.46 -16.75 -0.74
C GLU A 84 -1.23 -16.53 0.75
N GLU A 85 -0.26 -15.69 1.07
CA GLU A 85 0.06 -15.39 2.47
C GLU A 85 -1.16 -14.72 3.09
N ALA A 86 -1.70 -13.75 2.36
CA ALA A 86 -2.87 -13.00 2.81
C ALA A 86 -4.06 -13.94 3.00
N GLU A 87 -4.33 -14.77 2.00
CA GLU A 87 -5.43 -15.72 2.07
C GLU A 87 -5.26 -16.65 3.27
N ALA A 88 -4.05 -17.18 3.41
CA ALA A 88 -3.72 -18.07 4.50
C ALA A 88 -3.97 -17.40 5.87
N LEU A 89 -3.68 -16.11 5.93
CA LEU A 89 -3.87 -15.35 7.14
C LEU A 89 -5.34 -15.06 7.34
N ARG A 90 -6.05 -14.76 6.26
CA ARG A 90 -7.49 -14.46 6.33
C ARG A 90 -8.32 -15.67 6.78
N SER A 91 -7.86 -16.86 6.40
CA SER A 91 -8.56 -18.09 6.75
C SER A 91 -8.10 -18.62 8.12
N LYS A 92 -6.83 -18.39 8.43
CA LYS A 92 -6.28 -18.85 9.69
C LYS A 92 -6.81 -18.02 10.85
N LEU A 93 -7.34 -16.84 10.55
CA LEU A 93 -7.86 -15.97 11.60
C LEU A 93 -9.37 -15.84 11.60
N PHE A 94 -9.96 -15.77 10.40
CA PHE A 94 -11.41 -15.61 10.28
C PHE A 94 -12.12 -16.81 9.63
N GLY A 95 -11.35 -17.75 9.10
CA GLY A 95 -11.96 -18.91 8.48
C GLY A 95 -12.65 -18.69 7.14
N ASN A 96 -13.98 -18.80 7.15
CA ASN A 96 -14.76 -18.64 5.93
C ASN A 96 -15.51 -17.33 5.92
N GLU A 97 -15.12 -16.40 6.78
CA GLU A 97 -15.81 -15.11 6.85
C GLU A 97 -15.35 -14.16 5.76
N LYS A 98 -16.29 -13.61 5.00
CA LYS A 98 -15.95 -12.66 3.94
C LYS A 98 -15.60 -11.29 4.54
N VAL A 99 -14.40 -10.83 4.25
CA VAL A 99 -13.96 -9.56 4.80
C VAL A 99 -13.71 -8.52 3.72
N PHE A 100 -13.31 -7.34 4.16
CA PHE A 100 -12.98 -6.22 3.27
C PHE A 100 -11.46 -6.15 3.17
N LEU A 101 -10.95 -5.90 1.97
CA LEU A 101 -9.51 -5.83 1.78
C LEU A 101 -9.10 -4.44 1.36
N MET A 102 -8.13 -3.87 2.06
CA MET A 102 -7.62 -2.54 1.73
C MET A 102 -6.13 -2.65 1.45
N GLY A 103 -5.65 -1.89 0.47
CA GLY A 103 -4.23 -1.93 0.15
C GLY A 103 -3.72 -0.55 -0.19
N SER A 104 -2.56 -0.22 0.35
CA SER A 104 -1.95 1.07 0.08
C SER A 104 -0.69 0.89 -0.78
N SER A 105 -0.52 1.75 -1.78
CA SER A 105 0.66 1.69 -2.65
C SER A 105 0.84 0.25 -3.18
N TYR A 106 2.02 -0.33 -2.97
CA TYR A 106 2.27 -1.70 -3.42
C TYR A 106 1.21 -2.65 -2.84
N GLY A 107 0.74 -2.32 -1.64
CA GLY A 107 -0.28 -3.11 -0.97
C GLY A 107 -1.56 -3.09 -1.78
N GLY A 108 -1.86 -1.97 -2.44
CA GLY A 108 -3.04 -1.89 -3.26
C GLY A 108 -2.92 -2.81 -4.47
N ALA A 109 -1.76 -2.75 -5.13
CA ALA A 109 -1.49 -3.62 -6.27
C ALA A 109 -1.69 -5.07 -5.79
N LEU A 110 -1.11 -5.39 -4.63
CA LEU A 110 -1.24 -6.71 -4.04
C LEU A 110 -2.72 -7.01 -3.78
N ALA A 111 -3.44 -6.04 -3.24
CA ALA A 111 -4.87 -6.17 -2.97
C ALA A 111 -5.63 -6.55 -4.25
N LEU A 112 -5.23 -5.93 -5.36
CA LEU A 112 -5.86 -6.20 -6.63
C LEU A 112 -5.55 -7.63 -7.05
N ALA A 113 -4.29 -8.03 -6.91
CA ALA A 113 -3.85 -9.36 -7.30
C ALA A 113 -4.64 -10.38 -6.51
N TYR A 114 -4.81 -10.12 -5.23
CA TYR A 114 -5.57 -11.00 -4.35
C TYR A 114 -7.02 -11.02 -4.82
N ALA A 115 -7.61 -9.83 -4.95
CA ALA A 115 -8.98 -9.71 -5.39
C ALA A 115 -9.22 -10.44 -6.70
N VAL A 116 -8.24 -10.43 -7.60
CA VAL A 116 -8.36 -11.10 -8.90
C VAL A 116 -8.53 -12.61 -8.76
N LYS A 117 -7.97 -13.15 -7.70
CA LYS A 117 -8.05 -14.59 -7.47
C LYS A 117 -9.00 -15.01 -6.33
N TYR A 118 -9.04 -14.22 -5.25
CA TYR A 118 -9.85 -14.55 -4.09
C TYR A 118 -10.93 -13.54 -3.76
N GLN A 119 -11.53 -12.93 -4.77
CA GLN A 119 -12.56 -11.95 -4.50
C GLN A 119 -13.79 -12.61 -3.85
N ASP A 120 -13.94 -13.92 -4.05
CA ASP A 120 -15.07 -14.63 -3.47
C ASP A 120 -15.06 -14.55 -1.96
N HIS A 121 -13.88 -14.23 -1.41
CA HIS A 121 -13.67 -14.13 0.03
C HIS A 121 -13.75 -12.69 0.47
N LEU A 122 -14.13 -11.81 -0.44
CA LEU A 122 -14.22 -10.38 -0.13
C LEU A 122 -15.60 -9.77 -0.31
N LYS A 123 -15.94 -8.83 0.57
CA LYS A 123 -17.22 -8.14 0.49
C LYS A 123 -16.98 -6.76 -0.12
N GLY A 124 -15.72 -6.37 -0.22
CA GLY A 124 -15.37 -5.07 -0.77
C GLY A 124 -13.87 -4.89 -0.92
N LEU A 125 -13.45 -4.09 -1.90
CA LEU A 125 -12.03 -3.85 -2.12
C LEU A 125 -11.67 -2.36 -2.05
N ILE A 126 -10.66 -2.02 -1.26
CA ILE A 126 -10.27 -0.62 -1.13
C ILE A 126 -8.82 -0.45 -1.61
N VAL A 127 -8.61 0.37 -2.63
CA VAL A 127 -7.25 0.54 -3.15
C VAL A 127 -6.84 1.99 -2.98
N SER A 128 -5.97 2.26 -2.03
CA SER A 128 -5.52 3.64 -1.80
C SER A 128 -4.15 3.85 -2.39
N GLY A 129 -4.08 4.66 -3.44
CA GLY A 129 -2.81 4.95 -4.09
C GLY A 129 -2.15 3.69 -4.58
N GLY A 130 -2.98 2.75 -5.06
CA GLY A 130 -2.49 1.48 -5.56
C GLY A 130 -2.21 1.55 -7.05
N LEU A 131 -1.76 0.44 -7.63
CA LEU A 131 -1.43 0.42 -9.05
C LEU A 131 -1.66 -0.98 -9.62
N SER A 132 -2.07 -1.04 -10.89
CA SER A 132 -2.29 -2.33 -11.54
C SER A 132 -1.13 -2.57 -12.53
N SER A 133 -0.24 -1.58 -12.63
CA SER A 133 0.91 -1.64 -13.52
C SER A 133 2.04 -0.82 -12.94
N VAL A 134 3.21 -1.43 -12.82
CA VAL A 134 4.35 -0.71 -12.27
C VAL A 134 4.91 0.23 -13.32
N PRO A 135 5.10 -0.26 -14.57
CA PRO A 135 5.64 0.58 -15.63
C PRO A 135 4.82 1.87 -15.74
N LEU A 136 3.50 1.73 -15.66
CA LEU A 136 2.61 2.88 -15.73
C LEU A 136 3.01 3.82 -14.59
N THR A 137 3.11 3.27 -13.39
CA THR A 137 3.48 4.02 -12.20
C THR A 137 4.82 4.70 -12.43
N VAL A 138 5.75 3.97 -13.04
CA VAL A 138 7.08 4.50 -13.34
C VAL A 138 6.99 5.59 -14.41
N LYS A 139 6.21 5.34 -15.45
CA LYS A 139 6.04 6.32 -16.51
C LYS A 139 5.49 7.61 -15.92
N GLU A 140 4.68 7.50 -14.86
CA GLU A 140 4.08 8.65 -14.23
C GLU A 140 4.96 9.35 -13.20
N MET A 141 5.80 8.59 -12.52
CA MET A 141 6.67 9.19 -11.53
C MET A 141 7.77 9.98 -12.20
N ASN A 142 8.22 9.51 -13.37
CA ASN A 142 9.27 10.19 -14.10
C ASN A 142 8.78 11.59 -14.42
N ARG A 143 7.50 11.68 -14.78
CA ARG A 143 6.88 12.96 -15.11
C ARG A 143 6.92 13.87 -13.88
N LEU A 144 6.67 13.29 -12.71
CA LEU A 144 6.66 14.06 -11.50
C LEU A 144 8.03 14.66 -11.26
N ILE A 145 9.06 13.86 -11.46
CA ILE A 145 10.44 14.29 -11.27
C ILE A 145 10.76 15.44 -12.23
N ASP A 146 10.22 15.36 -13.45
CA ASP A 146 10.46 16.40 -14.43
C ASP A 146 9.77 17.68 -14.03
N GLU A 147 8.60 17.57 -13.40
CA GLU A 147 7.84 18.74 -12.97
C GLU A 147 8.48 19.36 -11.73
N LEU A 148 9.39 18.61 -11.13
CA LEU A 148 10.09 19.08 -9.96
C LEU A 148 11.03 20.23 -10.33
N PRO A 149 11.21 21.20 -9.43
CA PRO A 149 12.10 22.32 -9.75
C PRO A 149 13.49 21.80 -10.12
N ALA A 150 13.92 22.12 -11.34
CA ALA A 150 15.22 21.69 -11.88
C ALA A 150 16.26 21.31 -10.82
N LYS A 151 16.49 22.20 -9.88
CA LYS A 151 17.43 21.98 -8.79
C LYS A 151 17.42 20.53 -8.33
N TYR A 152 16.23 20.01 -8.00
CA TYR A 152 16.09 18.62 -7.53
C TYR A 152 15.97 17.59 -8.64
N ARG A 153 15.44 18.01 -9.78
CA ARG A 153 15.26 17.15 -10.95
C ARG A 153 16.62 16.70 -11.49
N ASP A 154 17.50 17.66 -11.75
CA ASP A 154 18.83 17.36 -12.26
C ASP A 154 19.61 16.44 -11.32
N ALA A 155 19.39 16.62 -10.03
CA ALA A 155 20.07 15.82 -9.01
C ALA A 155 19.60 14.36 -9.09
N ILE A 156 18.28 14.16 -9.08
CA ILE A 156 17.71 12.81 -9.16
C ILE A 156 18.16 12.13 -10.44
N LYS A 157 18.26 12.89 -11.52
CA LYS A 157 18.69 12.36 -12.82
C LYS A 157 20.19 12.18 -12.92
N LYS A 158 20.95 13.01 -12.22
CA LYS A 158 22.42 12.95 -12.27
C LYS A 158 22.98 11.78 -11.48
N TYR A 159 22.76 11.79 -10.16
CA TYR A 159 23.25 10.74 -9.28
C TYR A 159 22.42 9.46 -9.40
N GLY A 160 21.26 9.58 -10.04
CA GLY A 160 20.41 8.42 -10.21
C GLY A 160 20.98 7.46 -11.22
N SER A 161 21.53 8.00 -12.31
CA SER A 161 22.12 7.15 -13.36
C SER A 161 23.46 6.56 -12.94
N SER A 162 24.07 7.16 -11.93
CA SER A 162 25.37 6.68 -11.43
C SER A 162 25.18 5.84 -10.16
N GLY A 163 23.92 5.55 -9.84
CA GLY A 163 23.58 4.77 -8.66
C GLY A 163 24.20 5.34 -7.40
N SER A 164 24.45 6.65 -7.40
CA SER A 164 25.05 7.33 -6.25
C SER A 164 23.94 7.87 -5.36
N TYR A 165 23.14 6.97 -4.82
CA TYR A 165 22.02 7.35 -3.96
C TYR A 165 22.46 7.81 -2.57
N GLU A 166 23.71 7.56 -2.23
CA GLU A 166 24.23 7.95 -0.93
C GLU A 166 24.58 9.43 -0.90
N ASN A 167 24.79 10.02 -2.07
CA ASN A 167 25.15 11.43 -2.17
C ASN A 167 24.10 12.34 -1.51
N PRO A 168 24.56 13.35 -0.75
CA PRO A 168 23.67 14.29 -0.06
C PRO A 168 22.82 15.15 -1.01
N GLU A 169 23.36 15.49 -2.16
CA GLU A 169 22.61 16.31 -3.12
C GLU A 169 21.43 15.52 -3.64
N TYR A 170 21.65 14.24 -3.91
CA TYR A 170 20.61 13.33 -4.40
C TYR A 170 19.58 13.18 -3.28
N GLN A 171 20.08 13.15 -2.04
CA GLN A 171 19.23 13.03 -0.87
C GLN A 171 18.24 14.17 -0.77
N GLU A 172 18.73 15.40 -0.82
CA GLU A 172 17.85 16.57 -0.71
C GLU A 172 16.70 16.46 -1.71
N ALA A 173 17.00 16.01 -2.92
CA ALA A 173 15.99 15.88 -3.95
C ALA A 173 14.95 14.82 -3.52
N VAL A 174 15.44 13.66 -3.09
CA VAL A 174 14.59 12.58 -2.65
C VAL A 174 13.73 13.02 -1.46
N ASN A 175 14.30 13.91 -0.66
CA ASN A 175 13.58 14.41 0.51
C ASN A 175 12.47 15.33 0.03
N TYR A 176 12.82 16.29 -0.82
CA TYR A 176 11.85 17.24 -1.36
C TYR A 176 10.70 16.48 -2.01
N PHE A 177 11.04 15.64 -2.99
CA PHE A 177 10.05 14.86 -3.70
C PHE A 177 9.11 14.16 -2.73
N TYR A 178 9.67 13.52 -1.70
CA TYR A 178 8.87 12.82 -0.70
C TYR A 178 7.89 13.77 0.01
N HIS A 179 8.39 14.92 0.44
CA HIS A 179 7.56 15.91 1.12
C HIS A 179 6.61 16.55 0.15
N GLN A 180 6.60 16.08 -1.09
CA GLN A 180 5.73 16.64 -2.10
C GLN A 180 4.70 15.61 -2.62
N HIS A 181 5.12 14.35 -2.71
CA HIS A 181 4.26 13.30 -3.25
C HIS A 181 4.08 12.09 -2.33
N LEU A 182 4.84 12.02 -1.24
CA LEU A 182 4.70 10.91 -0.31
C LEU A 182 3.85 11.31 0.91
N LEU A 183 4.27 12.39 1.57
CA LEU A 183 3.58 12.91 2.72
C LEU A 183 3.80 14.42 2.78
N ARG A 184 2.77 15.17 2.44
CA ARG A 184 2.83 16.63 2.44
C ARG A 184 2.57 17.17 3.85
N SER A 185 3.64 17.25 4.64
CA SER A 185 3.59 17.75 6.00
C SER A 185 5.01 17.86 6.55
N GLU A 186 5.20 18.77 7.51
CA GLU A 186 6.51 18.99 8.10
C GLU A 186 6.90 17.83 9.00
N ASP A 187 6.03 17.53 9.97
CA ASP A 187 6.26 16.48 10.94
C ASP A 187 5.64 15.11 10.61
N TRP A 188 6.42 14.26 9.94
CA TRP A 188 5.97 12.92 9.57
C TRP A 188 5.74 12.13 10.85
N PRO A 189 4.60 11.43 10.95
CA PRO A 189 4.33 10.65 12.16
C PRO A 189 5.29 9.49 12.39
N PRO A 190 5.46 9.09 13.65
CA PRO A 190 6.36 7.98 13.95
C PRO A 190 6.03 6.76 13.11
N GLU A 191 4.77 6.33 13.17
CA GLU A 191 4.30 5.15 12.44
C GLU A 191 4.81 5.09 11.01
N VAL A 192 4.83 6.25 10.37
CA VAL A 192 5.31 6.36 9.00
C VAL A 192 6.82 6.16 8.96
N LEU A 193 7.54 6.81 9.88
CA LEU A 193 9.01 6.71 9.92
C LEU A 193 9.44 5.32 10.29
N LYS A 194 8.63 4.63 11.08
CA LYS A 194 8.91 3.27 11.53
C LYS A 194 8.83 2.34 10.32
N SER A 195 7.82 2.52 9.48
CA SER A 195 7.63 1.68 8.32
C SER A 195 8.74 1.91 7.30
N LEU A 196 9.19 3.16 7.20
CA LEU A 196 10.26 3.53 6.29
C LEU A 196 11.57 2.97 6.82
N GLU A 197 11.75 3.03 8.13
CA GLU A 197 12.96 2.50 8.74
C GLU A 197 13.04 1.00 8.51
N TYR A 198 11.91 0.30 8.74
CA TYR A 198 11.82 -1.13 8.54
C TYR A 198 12.23 -1.55 7.13
N ALA A 199 11.68 -0.86 6.13
CA ALA A 199 11.97 -1.19 4.73
C ALA A 199 13.44 -1.00 4.42
N GLU A 200 14.11 -0.19 5.22
CA GLU A 200 15.51 0.10 5.01
C GLU A 200 16.42 -0.83 5.80
N ARG A 201 15.82 -1.68 6.63
CA ARG A 201 16.57 -2.60 7.45
C ARG A 201 16.34 -4.04 6.99
N ARG A 202 15.23 -4.29 6.31
CA ARG A 202 14.97 -5.63 5.83
C ARG A 202 15.49 -5.79 4.39
N ASN A 203 15.17 -6.89 3.75
CA ASN A 203 15.65 -7.14 2.39
C ASN A 203 14.60 -6.98 1.28
N VAL A 204 13.36 -7.38 1.56
CA VAL A 204 12.28 -7.27 0.59
C VAL A 204 12.31 -5.99 -0.25
N TYR A 205 12.37 -4.84 0.39
CA TYR A 205 12.38 -3.56 -0.33
C TYR A 205 13.48 -3.52 -1.42
N ARG A 206 14.72 -3.76 -0.99
CA ARG A 206 15.87 -3.76 -1.87
C ARG A 206 15.76 -4.75 -3.02
N ILE A 207 15.14 -5.89 -2.77
CA ILE A 207 15.00 -6.92 -3.79
C ILE A 207 13.75 -6.82 -4.68
N MET A 208 12.61 -6.42 -4.11
CA MET A 208 11.38 -6.34 -4.89
C MET A 208 11.11 -4.96 -5.45
N ASN A 209 11.44 -3.92 -4.71
CA ASN A 209 11.16 -2.56 -5.18
C ASN A 209 12.40 -1.91 -5.81
N GLY A 210 13.32 -1.47 -4.96
CA GLY A 210 14.54 -0.85 -5.41
C GLY A 210 15.10 0.15 -4.42
N PRO A 211 15.99 1.05 -4.86
CA PRO A 211 16.61 2.07 -4.01
C PRO A 211 15.62 2.93 -3.25
N ASN A 212 14.74 3.63 -3.97
CA ASN A 212 13.76 4.50 -3.32
C ASN A 212 12.37 4.47 -3.95
N GLN A 213 11.48 5.32 -3.41
CA GLN A 213 10.08 5.43 -3.86
C GLN A 213 9.83 5.49 -5.35
N PHE A 214 10.69 6.21 -6.06
CA PHE A 214 10.56 6.35 -7.51
C PHE A 214 11.59 5.60 -8.35
N THR A 215 12.48 4.86 -7.71
CA THR A 215 13.49 4.08 -8.42
C THR A 215 13.09 2.61 -8.30
N ILE A 216 12.06 2.22 -9.05
CA ILE A 216 11.54 0.87 -9.04
C ILE A 216 12.26 -0.01 -10.05
N THR A 217 13.42 -0.53 -9.66
CA THR A 217 14.22 -1.38 -10.52
C THR A 217 14.27 -2.80 -10.00
N GLY A 218 13.45 -3.09 -8.99
CA GLY A 218 13.40 -4.41 -8.39
C GLY A 218 12.67 -5.44 -9.23
N THR A 219 12.42 -6.60 -8.62
CA THR A 219 11.77 -7.71 -9.29
C THR A 219 10.32 -7.47 -9.72
N ILE A 220 9.77 -6.29 -9.44
CA ILE A 220 8.39 -6.02 -9.85
C ILE A 220 8.29 -4.90 -10.88
N LYS A 221 9.45 -4.45 -11.35
CA LYS A 221 9.52 -3.35 -12.33
C LYS A 221 8.62 -3.56 -13.53
N ASP A 222 8.28 -4.80 -13.84
CA ASP A 222 7.46 -5.08 -15.01
C ASP A 222 6.09 -5.68 -14.70
N TRP A 223 5.72 -5.69 -13.42
CA TRP A 223 4.43 -6.24 -12.99
C TRP A 223 3.32 -5.40 -13.59
N ASP A 224 2.29 -6.05 -14.12
CA ASP A 224 1.16 -5.36 -14.75
C ASP A 224 -0.02 -6.30 -14.98
N ILE A 225 -1.05 -6.16 -14.17
CA ILE A 225 -2.22 -7.02 -14.30
C ILE A 225 -3.45 -6.22 -14.71
N THR A 226 -3.24 -5.12 -15.42
CA THR A 226 -4.33 -4.26 -15.85
C THR A 226 -5.37 -5.01 -16.68
N ASP A 227 -4.87 -5.85 -17.57
CA ASP A 227 -5.74 -6.63 -18.45
C ASP A 227 -6.40 -7.81 -17.72
N LYS A 228 -6.46 -7.74 -16.40
CA LYS A 228 -7.05 -8.82 -15.61
C LYS A 228 -7.99 -8.33 -14.49
N ILE A 229 -7.68 -7.16 -13.93
CA ILE A 229 -8.47 -6.59 -12.85
C ILE A 229 -9.94 -6.37 -13.17
N SER A 230 -10.26 -6.38 -14.47
CA SER A 230 -11.64 -6.20 -14.96
C SER A 230 -12.54 -7.29 -14.40
N ALA A 231 -11.93 -8.41 -13.99
CA ALA A 231 -12.64 -9.54 -13.42
C ALA A 231 -13.22 -9.24 -12.04
N ILE A 232 -12.74 -8.18 -11.42
CA ILE A 232 -13.21 -7.80 -10.09
C ILE A 232 -14.63 -7.24 -10.20
N LYS A 233 -15.57 -7.95 -9.58
CA LYS A 233 -16.96 -7.55 -9.62
C LYS A 233 -17.44 -6.99 -8.29
N ILE A 234 -16.69 -7.24 -7.22
CA ILE A 234 -17.05 -6.76 -5.89
C ILE A 234 -16.97 -5.24 -5.77
N PRO A 235 -17.67 -4.66 -4.77
CA PRO A 235 -17.65 -3.22 -4.57
C PRO A 235 -16.20 -2.75 -4.37
N THR A 236 -15.76 -1.78 -5.17
CA THR A 236 -14.40 -1.28 -5.06
C THR A 236 -14.33 0.22 -4.86
N LEU A 237 -13.52 0.64 -3.89
CA LEU A 237 -13.31 2.05 -3.60
C LEU A 237 -11.84 2.37 -3.92
N ILE A 238 -11.60 3.18 -4.94
CA ILE A 238 -10.23 3.53 -5.30
C ILE A 238 -9.97 5.00 -4.95
N THR A 239 -8.99 5.24 -4.07
CA THR A 239 -8.66 6.60 -3.66
C THR A 239 -7.26 6.96 -4.15
N VAL A 240 -6.99 8.27 -4.22
CA VAL A 240 -5.71 8.78 -4.68
C VAL A 240 -5.58 10.25 -4.28
N GLY A 241 -4.36 10.67 -3.98
CA GLY A 241 -4.11 12.06 -3.63
C GLY A 241 -3.81 12.94 -4.83
N GLU A 242 -4.22 14.19 -4.76
CA GLU A 242 -3.99 15.14 -5.83
C GLU A 242 -2.53 15.14 -6.27
N TYR A 243 -1.62 15.16 -5.31
CA TYR A 243 -0.17 15.17 -5.57
C TYR A 243 0.45 13.82 -5.26
N ASP A 244 -0.33 12.77 -5.42
CA ASP A 244 0.10 11.40 -5.12
C ASP A 244 1.25 10.93 -6.02
N GLU A 245 2.28 10.33 -5.43
CA GLU A 245 3.40 9.82 -6.21
C GLU A 245 2.90 8.77 -7.19
N VAL A 246 1.77 8.15 -6.86
CA VAL A 246 1.14 7.18 -7.74
C VAL A 246 -0.08 7.92 -8.27
N THR A 247 0.19 8.91 -9.13
CA THR A 247 -0.78 9.81 -9.75
C THR A 247 -2.19 9.27 -9.94
N PRO A 248 -3.20 10.16 -9.84
CA PRO A 248 -4.59 9.77 -10.01
C PRO A 248 -4.85 9.15 -11.36
N ASN A 249 -3.97 9.41 -12.32
CA ASN A 249 -4.10 8.84 -13.66
C ASN A 249 -3.84 7.33 -13.56
N VAL A 250 -3.01 6.95 -12.61
CA VAL A 250 -2.70 5.53 -12.43
C VAL A 250 -3.88 4.87 -11.75
N ALA A 251 -4.60 5.65 -10.97
CA ALA A 251 -5.76 5.19 -10.25
C ALA A 251 -6.90 5.06 -11.25
N ARG A 252 -6.95 5.99 -12.19
CA ARG A 252 -7.96 6.00 -13.25
C ARG A 252 -7.97 4.66 -14.00
N VAL A 253 -6.79 4.14 -14.30
CA VAL A 253 -6.66 2.89 -15.01
C VAL A 253 -7.33 1.74 -14.27
N ILE A 254 -7.20 1.73 -12.95
CA ILE A 254 -7.82 0.70 -12.14
C ILE A 254 -9.34 0.91 -12.11
N HIS A 255 -9.74 2.17 -11.93
CA HIS A 255 -11.16 2.53 -11.89
C HIS A 255 -11.89 2.17 -13.19
N GLU A 256 -11.26 2.53 -14.31
CA GLU A 256 -11.78 2.29 -15.64
C GLU A 256 -12.11 0.81 -15.92
N LYS A 257 -11.36 -0.10 -15.32
CA LYS A 257 -11.59 -1.53 -15.50
C LYS A 257 -12.62 -2.14 -14.53
N ILE A 258 -12.38 -1.97 -13.24
CA ILE A 258 -13.28 -2.52 -12.22
C ILE A 258 -14.66 -1.83 -12.25
N ALA A 259 -15.63 -2.47 -12.90
CA ALA A 259 -16.99 -1.96 -13.04
C ALA A 259 -17.62 -1.70 -11.70
N GLY A 260 -18.33 -0.58 -11.61
CA GLY A 260 -18.99 -0.20 -10.37
C GLY A 260 -18.07 0.46 -9.38
N SER A 261 -16.77 0.42 -9.64
CA SER A 261 -15.80 0.99 -8.72
C SER A 261 -15.94 2.51 -8.58
N GLU A 262 -15.55 3.03 -7.43
CA GLU A 262 -15.63 4.45 -7.20
C GLU A 262 -14.23 5.03 -7.21
N LEU A 263 -14.09 6.28 -7.67
CA LEU A 263 -12.77 6.89 -7.69
C LEU A 263 -12.82 8.23 -6.97
N HIS A 264 -12.18 8.31 -5.81
CA HIS A 264 -12.14 9.55 -5.05
C HIS A 264 -10.73 10.13 -4.98
N VAL A 265 -10.56 11.35 -5.47
CA VAL A 265 -9.26 12.01 -5.44
C VAL A 265 -9.22 12.98 -4.26
N PHE A 266 -8.33 12.72 -3.31
CA PHE A 266 -8.19 13.58 -2.16
C PHE A 266 -7.37 14.82 -2.51
N ARG A 267 -8.07 15.96 -2.62
CA ARG A 267 -7.43 17.23 -2.93
C ARG A 267 -6.45 17.62 -1.82
N ASP A 268 -5.37 18.29 -2.19
CA ASP A 268 -4.36 18.72 -1.22
C ASP A 268 -3.76 17.56 -0.44
N CYS A 269 -3.81 16.36 -1.02
CA CYS A 269 -3.23 15.18 -0.38
C CYS A 269 -2.30 14.49 -1.34
N SER A 270 -1.38 13.70 -0.80
CA SER A 270 -0.43 12.97 -1.65
C SER A 270 -0.64 11.47 -1.53
N HIS A 271 0.42 10.72 -1.26
CA HIS A 271 0.37 9.27 -1.15
C HIS A 271 -0.24 8.81 0.16
N LEU A 272 0.37 9.21 1.26
CA LEU A 272 -0.12 8.79 2.57
C LEU A 272 -1.29 9.65 2.99
N THR A 273 -2.37 9.58 2.22
CA THR A 273 -3.56 10.37 2.51
C THR A 273 -4.22 10.02 3.83
N MET A 274 -3.95 8.83 4.35
CA MET A 274 -4.53 8.41 5.63
C MET A 274 -3.95 9.21 6.79
N TRP A 275 -2.90 9.97 6.52
CA TRP A 275 -2.30 10.79 7.56
C TRP A 275 -2.53 12.27 7.28
N GLU A 276 -2.61 12.63 6.00
CA GLU A 276 -2.80 14.01 5.57
C GLU A 276 -4.24 14.40 5.77
N ASP A 277 -5.10 13.41 5.70
CA ASP A 277 -6.52 13.63 5.91
C ASP A 277 -7.09 12.42 6.64
N ARG A 278 -6.50 12.14 7.81
CA ARG A 278 -6.91 11.02 8.63
C ARG A 278 -8.42 10.92 8.89
N GLU A 279 -9.08 12.05 9.10
CA GLU A 279 -10.51 12.04 9.37
C GLU A 279 -11.28 11.80 8.08
N GLY A 280 -11.00 12.61 7.05
CA GLY A 280 -11.68 12.45 5.77
C GLY A 280 -11.42 11.11 5.11
N TYR A 281 -10.17 10.67 5.21
CA TYR A 281 -9.79 9.39 4.63
C TYR A 281 -10.53 8.26 5.32
N ASN A 282 -10.49 8.25 6.65
CA ASN A 282 -11.13 7.19 7.40
C ASN A 282 -12.64 7.18 7.21
N LYS A 283 -13.25 8.35 7.22
CA LYS A 283 -14.69 8.45 7.02
C LYS A 283 -15.09 7.87 5.66
N LEU A 284 -14.31 8.19 4.64
CA LEU A 284 -14.57 7.68 3.31
C LEU A 284 -14.55 6.16 3.29
N LEU A 285 -13.51 5.56 3.86
CA LEU A 285 -13.40 4.10 3.86
C LEU A 285 -14.48 3.43 4.71
N SER A 286 -14.75 3.99 5.88
CA SER A 286 -15.73 3.39 6.77
C SER A 286 -17.14 3.50 6.20
N ASP A 287 -17.41 4.61 5.53
CA ASP A 287 -18.73 4.80 4.94
C ASP A 287 -18.91 3.80 3.79
N PHE A 288 -17.83 3.55 3.06
CA PHE A 288 -17.87 2.62 1.95
C PHE A 288 -18.22 1.21 2.44
N ILE A 289 -17.43 0.73 3.40
CA ILE A 289 -17.62 -0.59 4.01
C ILE A 289 -19.05 -0.82 4.51
N LEU A 290 -19.53 0.08 5.36
CA LEU A 290 -20.87 -0.02 5.94
C LEU A 290 -21.97 -0.02 4.88
N LYS A 291 -21.74 0.66 3.76
CA LYS A 291 -22.73 0.70 2.67
C LYS A 291 -22.70 -0.60 1.86
N HIS A 292 -21.85 -1.54 2.25
CA HIS A 292 -21.72 -2.78 1.51
C HIS A 292 -21.61 -3.98 2.44
N LEU A 293 -22.23 -3.87 3.60
CA LEU A 293 -22.22 -4.97 4.56
C LEU A 293 -22.99 -6.16 3.98
#